data_8FLI
#
_entry.id   8FLI
#
_cell.length_a   1.00
_cell.length_b   1.00
_cell.length_c   1.00
_cell.angle_alpha   90.00
_cell.angle_beta   90.00
_cell.angle_gamma   90.00
#
_symmetry.space_group_name_H-M   'P 1'
#
loop_
_entity.id
_entity.type
_entity.pdbx_description
1 polymer 'Group II Intron'
2 polymer 'Maturase reverse transcriptase'
3 non-polymer 'MAGNESIUM ION'
#
loop_
_entity_poly.entity_id
_entity_poly.type
_entity_poly.pdbx_seq_one_letter_code
_entity_poly.pdbx_strand_id
1 'polyribonucleotide'
;CCCAGGGUUGGCCGAGCGUUGCGACGCGAAAGCUAGCCAGAUGAUUGUCCCACUAGCCCAACAAGCUAGAACGGGACCGG
UUGUUCCCCCAACCGUAGCCUAGGGAGGCAUGCGUGACUGGUAACGGUCAGGUGUGAAGCCCUCCCGACAAUGUAGCCCG
AACCGCAAGGUUGAAGCUGAAUCCGUGAGGAGGAAGCAACUUCACCAGUGUCAGGUGAUAGGGAACUAGGCUUGAGGGUA
UGGUGAGCACAUGCGAAGUGAUGUCAGAAGCCUCGUCACAGACCAACAGGCCAAAGACACUGAUAGGCCUGAGCCAAAAC
GGCAAAUGGAUAGGCUACAUCGCUCGCUCGUCGGUGUACGGGGACGUCAAUCCAUCGGGGCACAGUCACCACCUAACCCC
UCGUGUCAUCUGGUUGGAACGCGGUAAGCCCGUAUCCUCGCCUUGAACACUCAAGGCAGGCAAACCUUCGGGAAUGCUGA
UGGGGGUGCGGGUAUGGGAUGCAGGAGAAAGCGAAUGCCGGUCUGUAAUGGACCGGAUAGGGGUUGAGGAGACAAUCCAA
CAUCACCCCGCCCGAAAGGGAGCAGACUUCCUGCUGGUCUCUCUUUGCGAGAUAGCCUGUAGAACCUCUUGAAUGGAGAC
AAGGCAAAUGGCAGUGGAACAAACCACUGGUGCGGUCACCAACCAAACGGAAACAAGCUGGCACAGCAUAGACUGGGCCA
AAGCCAACCGUGAGGUAAAGAGGCUGCAAGUGCGUAUCGCAAAGGCGUUCGCGCCGGUUCCUCUUGAAAGAGGGGCUUUG
AGAGGCCUGAGCCGGAUGUGGGGAAACUCACAAGUCCGGUUCUUAGGGGGCGGGGAUGGCAUUCGUGCCUCCCUGCUACC
CGGCGAUGAGGCA
;
A
2 'polypeptide(L)'
;METRQMAVEQTTGAVTNQTETSWHSIDWAKANREVKRLQVRIAKAVKEGRWGKVKALQWLLTHSFYGKALAVKRVTDNSG
SKTPGVDGITWSTQEQKAQAIKSLRRRGYKPQPLRRVYIPKASGKQRPLGIPTTKDRAMQALYALALEPVAETTADRNSY
GFRQGRCTADAAGQCFTVLGRSDCAKYILDADITGCFDNISHEWLLDNIPLDKEVLRKWLKSGFVWKQQLFPTHAGTPQG
GVISPMLANMTLDGMEELLKKHLRKQKVNLIRYADDFVVTGESKETLEKVTTVIQEFLKERGLTLSEEKTKVVHIEEGFD
FLGWNIRKYGEKLLIKPAKKNIKAFHKKIRDALKELRTATQEAVIDTLNPIIKGWANYHRNQVSKRIFNRADDNIWHKLW
RWAKRRHPNKPARWTKNKYFIKIGNRHWVFGTWKKDKEGRLRSRYLIKAGDTRIQRHVKIKADANPFLPEWAEYFEERKK
LKEAPAQYRRIRRELWKKQGGICPVCGGEIEQDMLTEIHHILPKHKGGSDDLDNLVLIHANCHKQVHSRDGQHSRFLLKE
GL
;
B
#
loop_
_chem_comp.id
_chem_comp.type
_chem_comp.name
_chem_comp.formula
A RNA linking ADENOSINE-5'-MONOPHOSPHATE 'C10 H14 N5 O7 P'
C RNA linking CYTIDINE-5'-MONOPHOSPHATE 'C9 H14 N3 O8 P'
G RNA linking GUANOSINE-5'-MONOPHOSPHATE 'C10 H14 N5 O8 P'
MG non-polymer 'MAGNESIUM ION' 'Mg 2'
U RNA linking URIDINE-5'-MONOPHOSPHATE 'C9 H13 N2 O9 P'
#
# COMPACT_ATOMS: atom_id res chain seq x y z
N SER B 22 -31.21 -5.11 18.71
CA SER B 22 -30.14 -5.30 19.68
C SER B 22 -28.80 -5.49 19.00
N TRP B 23 -28.00 -4.42 18.91
CA TRP B 23 -26.74 -4.50 18.20
C TRP B 23 -25.78 -5.47 18.87
N HIS B 24 -25.73 -5.46 20.19
CA HIS B 24 -24.81 -6.31 20.93
C HIS B 24 -25.38 -7.71 21.11
N SER B 25 -25.81 -8.31 19.99
CA SER B 25 -26.30 -9.69 20.00
C SER B 25 -25.85 -10.51 18.80
N ILE B 26 -25.33 -9.92 17.73
CA ILE B 26 -24.97 -10.67 16.54
C ILE B 26 -23.61 -11.33 16.75
N ASP B 27 -23.51 -12.59 16.34
CA ASP B 27 -22.33 -13.39 16.58
C ASP B 27 -21.32 -13.13 15.47
N TRP B 28 -20.33 -12.28 15.76
CA TRP B 28 -19.28 -12.00 14.79
C TRP B 28 -18.44 -13.22 14.48
N ALA B 29 -18.51 -14.27 15.30
CA ALA B 29 -17.70 -15.46 15.06
C ALA B 29 -18.12 -16.22 13.81
N LYS B 30 -19.32 -15.95 13.28
CA LYS B 30 -19.75 -16.58 12.04
C LYS B 30 -19.96 -15.61 10.90
N ALA B 31 -19.88 -14.30 11.16
CA ALA B 31 -20.05 -13.33 10.09
C ALA B 31 -18.99 -13.52 9.02
N ASN B 32 -17.73 -13.56 9.44
CA ASN B 32 -16.65 -13.74 8.48
C ASN B 32 -16.78 -15.08 7.78
N ARG B 33 -17.16 -16.13 8.51
CA ARG B 33 -17.30 -17.44 7.90
C ARG B 33 -18.34 -17.44 6.80
N GLU B 34 -19.53 -16.91 7.09
CA GLU B 34 -20.60 -16.96 6.09
C GLU B 34 -20.31 -16.06 4.90
N VAL B 35 -19.83 -14.83 5.17
CA VAL B 35 -19.52 -13.95 4.06
C VAL B 35 -18.41 -14.53 3.20
N LYS B 36 -17.40 -15.14 3.82
CA LYS B 36 -16.34 -15.76 3.05
C LYS B 36 -16.85 -16.96 2.26
N ARG B 37 -17.82 -17.69 2.81
CA ARG B 37 -18.40 -18.79 2.05
C ARG B 37 -19.11 -18.28 0.81
N LEU B 38 -19.88 -17.21 0.95
CA LEU B 38 -20.54 -16.63 -0.22
C LEU B 38 -19.51 -16.12 -1.23
N GLN B 39 -18.45 -15.50 -0.74
CA GLN B 39 -17.40 -15.04 -1.63
C GLN B 39 -16.72 -16.18 -2.36
N VAL B 40 -16.46 -17.30 -1.67
CA VAL B 40 -15.91 -18.46 -2.33
C VAL B 40 -16.86 -18.97 -3.40
N ARG B 41 -18.16 -18.96 -3.11
CA ARG B 41 -19.12 -19.41 -4.10
C ARG B 41 -19.06 -18.54 -5.36
N ILE B 42 -19.05 -17.22 -5.18
CA ILE B 42 -19.04 -16.35 -6.36
C ILE B 42 -17.73 -16.51 -7.13
N ALA B 43 -16.61 -16.65 -6.42
CA ALA B 43 -15.34 -16.81 -7.10
C ALA B 43 -15.31 -18.10 -7.91
N LYS B 44 -15.70 -19.21 -7.30
CA LYS B 44 -15.72 -20.47 -8.03
C LYS B 44 -16.74 -20.43 -9.16
N ALA B 45 -17.78 -19.62 -9.02
CA ALA B 45 -18.73 -19.47 -10.12
C ALA B 45 -18.11 -18.76 -11.31
N VAL B 46 -17.44 -17.63 -11.07
CA VAL B 46 -16.85 -16.90 -12.19
C VAL B 46 -15.68 -17.69 -12.76
N LYS B 47 -15.11 -18.61 -11.98
CA LYS B 47 -14.08 -19.48 -12.52
C LYS B 47 -14.59 -20.24 -13.74
N GLU B 48 -15.82 -20.76 -13.66
CA GLU B 48 -16.49 -21.20 -14.87
C GLU B 48 -17.03 -20.00 -15.63
N GLY B 49 -16.98 -20.06 -16.95
CA GLY B 49 -17.38 -18.94 -17.76
C GLY B 49 -18.89 -18.74 -17.81
N ARG B 50 -19.52 -18.60 -16.64
CA ARG B 50 -20.97 -18.41 -16.59
C ARG B 50 -21.32 -16.93 -16.65
N TRP B 51 -20.80 -16.13 -15.73
CA TRP B 51 -20.99 -14.69 -15.75
C TRP B 51 -22.42 -14.29 -15.46
N GLY B 52 -23.31 -15.25 -15.33
CA GLY B 52 -24.69 -14.95 -15.03
C GLY B 52 -24.96 -15.22 -13.58
N LYS B 53 -24.36 -16.30 -13.06
CA LYS B 53 -24.49 -16.62 -11.65
C LYS B 53 -23.85 -15.56 -10.77
N VAL B 54 -22.95 -14.75 -11.31
CA VAL B 54 -22.35 -13.69 -10.52
C VAL B 54 -23.39 -12.67 -10.10
N LYS B 55 -24.18 -12.18 -11.05
CA LYS B 55 -25.25 -11.26 -10.69
C LYS B 55 -26.50 -12.00 -10.25
N ALA B 56 -26.32 -13.01 -9.42
CA ALA B 56 -27.39 -13.58 -8.61
C ALA B 56 -26.94 -13.93 -7.21
N LEU B 57 -25.64 -14.15 -6.99
CA LEU B 57 -25.10 -14.24 -5.65
C LEU B 57 -24.63 -12.88 -5.17
N GLN B 58 -24.07 -12.06 -6.05
CA GLN B 58 -23.67 -10.73 -5.62
C GLN B 58 -24.86 -9.78 -5.55
N TRP B 59 -26.00 -10.20 -6.07
CA TRP B 59 -27.25 -9.50 -5.82
C TRP B 59 -27.97 -10.06 -4.61
N LEU B 60 -27.58 -11.24 -4.15
CA LEU B 60 -28.17 -11.83 -2.95
C LEU B 60 -27.40 -11.44 -1.71
N LEU B 61 -26.09 -11.28 -1.82
CA LEU B 61 -25.28 -10.90 -0.68
C LEU B 61 -25.56 -9.46 -0.27
N THR B 62 -25.53 -8.54 -1.22
CA THR B 62 -25.69 -7.13 -0.93
C THR B 62 -27.13 -6.74 -0.67
N HIS B 63 -28.06 -7.69 -0.69
CA HIS B 63 -29.45 -7.43 -0.38
C HIS B 63 -29.92 -8.39 0.70
N SER B 64 -29.12 -8.51 1.75
CA SER B 64 -29.45 -9.44 2.83
C SER B 64 -28.87 -8.92 4.13
N PHE B 65 -29.34 -9.50 5.22
CA PHE B 65 -28.75 -9.26 6.53
C PHE B 65 -27.37 -9.90 6.59
N TYR B 66 -26.67 -9.63 7.70
CA TYR B 66 -25.52 -10.40 8.11
C TYR B 66 -24.34 -10.19 7.17
N GLY B 67 -24.57 -9.44 6.10
CA GLY B 67 -23.48 -8.94 5.30
C GLY B 67 -23.57 -7.43 5.30
N LYS B 68 -24.79 -6.92 5.43
CA LYS B 68 -24.94 -5.49 5.59
C LYS B 68 -24.32 -4.99 6.88
N ALA B 69 -24.49 -5.73 7.97
CA ALA B 69 -23.87 -5.33 9.22
C ALA B 69 -22.35 -5.33 9.13
N LEU B 70 -21.79 -6.14 8.24
CA LEU B 70 -20.35 -6.16 8.07
C LEU B 70 -19.83 -4.79 7.65
N ALA B 71 -20.53 -4.14 6.73
CA ALA B 71 -20.09 -2.83 6.28
C ALA B 71 -20.15 -1.81 7.41
N VAL B 72 -21.21 -1.85 8.22
CA VAL B 72 -21.33 -0.89 9.30
C VAL B 72 -20.20 -1.08 10.30
N LYS B 73 -19.89 -2.34 10.64
CA LYS B 73 -18.79 -2.62 11.53
C LYS B 73 -17.47 -2.14 10.95
N ARG B 74 -17.27 -2.36 9.66
CA ARG B 74 -16.03 -1.90 9.03
C ARG B 74 -15.92 -0.39 9.06
N VAL B 75 -17.02 0.31 8.80
CA VAL B 75 -16.93 1.76 8.65
C VAL B 75 -16.88 2.45 10.00
N THR B 76 -17.46 1.84 11.03
CA THR B 76 -17.48 2.51 12.34
C THR B 76 -16.09 2.51 12.96
N ASP B 77 -15.26 1.52 12.65
CA ASP B 77 -13.90 1.46 13.14
C ASP B 77 -12.97 2.11 12.12
N ASN B 78 -11.66 1.89 12.29
CA ASN B 78 -10.65 2.45 11.40
C ASN B 78 -10.77 3.96 11.29
N SER B 79 -11.13 4.61 12.40
CA SER B 79 -11.35 6.05 12.44
C SER B 79 -12.32 6.48 11.34
N GLY B 80 -12.27 7.75 10.96
CA GLY B 80 -13.10 8.25 9.89
C GLY B 80 -14.58 8.22 10.15
N SER B 81 -15.03 7.68 11.27
CA SER B 81 -16.44 7.63 11.60
C SER B 81 -16.86 8.79 12.50
N LYS B 82 -15.97 9.77 12.70
CA LYS B 82 -16.29 10.92 13.53
C LYS B 82 -16.67 12.14 12.71
N THR B 83 -15.76 12.59 11.84
CA THR B 83 -16.02 13.77 11.03
C THR B 83 -16.97 13.42 9.89
N PRO B 84 -18.13 14.04 9.81
CA PRO B 84 -19.08 13.71 8.75
C PRO B 84 -18.92 14.60 7.53
N GLY B 85 -19.59 14.19 6.46
CA GLY B 85 -19.68 15.02 5.27
C GLY B 85 -20.68 16.13 5.50
N VAL B 86 -21.34 16.62 4.46
CA VAL B 86 -22.38 17.64 4.67
C VAL B 86 -23.65 16.85 4.96
N ASP B 87 -23.72 16.34 6.18
CA ASP B 87 -24.96 15.80 6.72
C ASP B 87 -25.16 16.12 8.19
N GLY B 88 -24.11 16.40 8.94
CA GLY B 88 -24.23 16.59 10.37
C GLY B 88 -24.27 15.28 11.13
N ILE B 89 -24.94 14.27 10.57
CA ILE B 89 -25.18 13.04 11.28
C ILE B 89 -23.86 12.29 11.48
N THR B 90 -23.68 11.72 12.66
CA THR B 90 -22.54 10.88 12.97
C THR B 90 -22.97 9.83 13.96
N TRP B 91 -22.66 8.57 13.69
CA TRP B 91 -23.21 7.49 14.51
C TRP B 91 -22.52 7.41 15.86
N SER B 92 -21.23 7.06 15.86
CA SER B 92 -20.36 7.25 17.02
C SER B 92 -20.88 6.59 18.30
N THR B 93 -21.93 5.78 18.20
CA THR B 93 -22.54 5.24 19.41
C THR B 93 -22.70 3.73 19.30
N GLN B 94 -23.42 3.14 20.25
CA GLN B 94 -23.65 1.70 20.27
C GLN B 94 -25.11 1.33 20.03
N GLU B 95 -25.98 2.31 19.80
CA GLU B 95 -27.37 2.02 19.53
C GLU B 95 -27.95 2.79 18.36
N GLN B 96 -27.30 3.84 17.87
CA GLN B 96 -27.76 4.49 16.66
C GLN B 96 -27.43 3.67 15.42
N LYS B 97 -26.51 2.73 15.51
CA LYS B 97 -26.20 1.85 14.38
C LYS B 97 -27.06 0.60 14.41
N ALA B 98 -28.34 0.79 14.60
CA ALA B 98 -29.30 -0.30 14.51
C ALA B 98 -30.37 -0.02 13.48
N GLN B 99 -30.87 1.21 13.42
CA GLN B 99 -31.72 1.62 12.31
C GLN B 99 -30.90 2.02 11.09
N ALA B 100 -29.60 2.24 11.24
CA ALA B 100 -28.75 2.46 10.08
C ALA B 100 -28.77 1.22 9.19
N ILE B 101 -28.70 0.04 9.80
CA ILE B 101 -28.74 -1.21 9.03
C ILE B 101 -30.00 -1.27 8.19
N LYS B 102 -31.15 -1.01 8.80
CA LYS B 102 -32.40 -1.10 8.06
C LYS B 102 -32.52 0.00 7.00
N SER B 103 -31.78 1.09 7.14
CA SER B 103 -31.82 2.18 6.16
C SER B 103 -30.74 2.04 5.11
N LEU B 104 -30.67 0.88 4.47
CA LEU B 104 -29.68 0.61 3.43
C LEU B 104 -30.42 -0.11 2.30
N ARG B 105 -30.94 0.66 1.36
CA ARG B 105 -31.74 0.11 0.28
C ARG B 105 -31.25 0.64 -1.05
N ARG B 106 -31.20 -0.25 -2.05
CA ARG B 106 -30.87 0.20 -3.40
C ARG B 106 -31.94 1.13 -3.94
N ARG B 107 -33.21 0.78 -3.73
CA ARG B 107 -34.29 1.64 -4.20
C ARG B 107 -34.28 2.94 -3.42
N GLY B 108 -34.40 4.05 -4.13
CA GLY B 108 -34.40 5.34 -3.48
C GLY B 108 -33.07 5.66 -2.83
N TYR B 109 -32.04 5.88 -3.64
CA TYR B 109 -30.71 6.20 -3.16
C TYR B 109 -30.20 7.39 -3.93
N LYS B 110 -29.71 8.41 -3.22
CA LYS B 110 -29.02 9.53 -3.82
C LYS B 110 -27.77 9.84 -2.98
N PRO B 111 -26.74 10.41 -3.59
CA PRO B 111 -25.55 10.77 -2.84
C PRO B 111 -25.62 12.19 -2.30
N GLN B 112 -24.79 12.45 -1.31
CA GLN B 112 -24.76 13.76 -0.67
C GLN B 112 -23.40 14.41 -0.84
N PRO B 113 -23.11 14.91 -2.04
CA PRO B 113 -21.75 15.35 -2.42
C PRO B 113 -20.60 15.05 -1.47
N LEU B 114 -19.75 16.06 -1.27
CA LEU B 114 -18.54 15.91 -0.49
C LEU B 114 -18.14 17.27 0.05
N ARG B 115 -17.52 17.28 1.23
CA ARG B 115 -16.96 18.49 1.81
C ARG B 115 -15.45 18.39 1.75
N ARG B 116 -14.81 19.36 1.10
CA ARG B 116 -13.37 19.35 0.91
C ARG B 116 -12.71 19.83 2.20
N VAL B 117 -12.00 18.94 2.87
CA VAL B 117 -11.30 19.26 4.11
C VAL B 117 -9.81 19.03 3.89
N TYR B 118 -9.00 20.04 4.18
CA TYR B 118 -7.56 19.94 4.03
C TYR B 118 -6.96 19.35 5.30
N ILE B 119 -6.38 18.15 5.18
CA ILE B 119 -5.77 17.48 6.31
C ILE B 119 -4.45 18.17 6.63
N PRO B 120 -4.26 18.64 7.87
CA PRO B 120 -3.02 19.35 8.19
C PRO B 120 -1.80 18.45 8.10
N LYS B 121 -0.67 19.05 7.78
CA LYS B 121 0.59 18.35 7.65
C LYS B 121 1.68 19.14 8.37
N ALA B 122 2.64 18.43 8.94
CA ALA B 122 3.74 19.09 9.64
C ALA B 122 4.48 20.05 8.72
N SER B 123 4.74 19.61 7.48
CA SER B 123 5.32 20.50 6.47
C SER B 123 4.34 21.55 5.99
N GLY B 124 3.07 21.45 6.35
CA GLY B 124 2.05 22.29 5.77
C GLY B 124 1.48 21.77 4.47
N LYS B 125 1.84 20.55 4.07
CA LYS B 125 1.36 19.98 2.80
C LYS B 125 -0.08 19.53 2.99
N GLN B 126 -0.98 20.51 2.84
CA GLN B 126 -2.41 20.23 2.92
C GLN B 126 -2.83 19.37 1.75
N ARG B 127 -3.11 18.09 2.02
CA ARG B 127 -3.48 17.16 0.96
C ARG B 127 -4.99 17.01 0.93
N PRO B 128 -5.66 17.45 -0.12
CA PRO B 128 -7.14 17.44 -0.14
C PRO B 128 -7.68 16.02 -0.15
N LEU B 129 -8.41 15.66 0.91
CA LEU B 129 -9.06 14.36 1.02
C LEU B 129 -10.55 14.60 1.23
N GLY B 130 -11.35 14.37 0.18
CA GLY B 130 -12.79 14.47 0.32
C GLY B 130 -13.32 13.39 1.23
N ILE B 131 -14.47 13.67 1.84
CA ILE B 131 -15.05 12.74 2.81
C ILE B 131 -16.55 12.61 2.56
N PRO B 132 -17.07 11.40 2.48
CA PRO B 132 -18.51 11.23 2.28
C PRO B 132 -19.27 11.00 3.59
N THR B 133 -20.59 10.93 3.51
CA THR B 133 -21.42 10.68 4.68
C THR B 133 -21.11 9.34 5.31
N THR B 134 -21.42 9.21 6.59
CA THR B 134 -21.19 7.94 7.29
C THR B 134 -22.23 6.89 6.97
N LYS B 135 -23.36 7.26 6.37
CA LYS B 135 -24.25 6.26 5.81
C LYS B 135 -23.89 5.95 4.37
N ASP B 136 -23.50 6.96 3.62
CA ASP B 136 -23.03 6.74 2.27
C ASP B 136 -21.81 5.83 2.28
N ARG B 137 -20.91 6.04 3.24
CA ARG B 137 -19.69 5.25 3.30
C ARG B 137 -19.98 3.77 3.50
N ALA B 138 -21.09 3.44 4.16
CA ALA B 138 -21.46 2.03 4.31
C ALA B 138 -21.69 1.38 2.96
N MET B 139 -22.39 2.08 2.07
CA MET B 139 -22.63 1.55 0.73
C MET B 139 -21.33 1.37 -0.02
N GLN B 140 -20.44 2.36 0.04
CA GLN B 140 -19.14 2.20 -0.59
C GLN B 140 -18.35 1.07 0.03
N ALA B 141 -18.62 0.73 1.29
CA ALA B 141 -17.94 -0.39 1.92
C ALA B 141 -18.74 -1.68 1.88
N LEU B 142 -20.02 -1.62 1.51
CA LEU B 142 -20.75 -2.86 1.30
C LEU B 142 -20.51 -3.38 -0.11
N TYR B 143 -20.62 -2.51 -1.11
CA TYR B 143 -20.40 -2.95 -2.48
C TYR B 143 -18.96 -3.34 -2.75
N ALA B 144 -18.03 -2.97 -1.87
CA ALA B 144 -16.69 -3.51 -1.98
C ALA B 144 -16.72 -5.02 -1.83
N LEU B 145 -17.50 -5.52 -0.89
CA LEU B 145 -17.85 -6.93 -0.91
C LEU B 145 -18.67 -7.20 -2.16
N ALA B 146 -18.67 -8.46 -2.58
CA ALA B 146 -19.33 -8.90 -3.80
C ALA B 146 -18.77 -8.23 -5.04
N LEU B 147 -17.67 -7.48 -4.91
CA LEU B 147 -16.92 -7.03 -6.06
C LEU B 147 -15.46 -7.43 -5.87
N GLU B 148 -15.04 -7.50 -4.60
CA GLU B 148 -13.70 -7.94 -4.28
C GLU B 148 -13.40 -9.35 -4.80
N PRO B 149 -14.27 -10.34 -4.61
CA PRO B 149 -13.95 -11.66 -5.17
C PRO B 149 -13.75 -11.66 -6.67
N VAL B 150 -14.49 -10.82 -7.40
CA VAL B 150 -14.33 -10.79 -8.85
C VAL B 150 -12.93 -10.29 -9.22
N ALA B 151 -12.46 -9.26 -8.55
CA ALA B 151 -11.16 -8.67 -8.92
C ALA B 151 -10.03 -9.67 -8.73
N GLU B 152 -10.04 -10.42 -7.64
CA GLU B 152 -8.98 -11.40 -7.42
C GLU B 152 -9.00 -12.47 -8.50
N THR B 153 -10.18 -12.92 -8.90
CA THR B 153 -10.28 -14.02 -9.85
C THR B 153 -9.92 -13.60 -11.27
N THR B 154 -10.03 -12.33 -11.61
CA THR B 154 -9.67 -11.87 -12.95
C THR B 154 -8.42 -11.01 -12.94
N ALA B 155 -7.58 -11.15 -11.91
CA ALA B 155 -6.37 -10.33 -11.80
C ALA B 155 -5.38 -10.62 -12.92
N ASP B 156 -4.26 -9.90 -12.93
CA ASP B 156 -3.28 -10.00 -13.99
C ASP B 156 -2.08 -10.86 -13.60
N ARG B 157 -2.27 -11.82 -12.70
CA ARG B 157 -1.23 -12.77 -12.34
C ARG B 157 -0.02 -12.06 -11.75
N ASN B 158 0.68 -11.30 -12.57
CA ASN B 158 1.81 -10.49 -12.11
C ASN B 158 1.37 -9.08 -11.75
N SER B 159 0.36 -8.97 -10.90
CA SER B 159 -0.14 -7.68 -10.45
C SER B 159 -0.12 -7.65 -8.93
N TYR B 160 0.50 -6.62 -8.37
CA TYR B 160 0.54 -6.46 -6.93
C TYR B 160 0.02 -5.07 -6.58
N GLY B 161 -0.38 -4.92 -5.32
CA GLY B 161 -0.91 -3.66 -4.87
C GLY B 161 -2.38 -3.72 -4.50
N PHE B 162 -2.67 -3.52 -3.22
CA PHE B 162 -4.04 -3.51 -2.73
C PHE B 162 -4.74 -4.83 -3.02
N ARG B 163 -3.98 -5.90 -3.11
CA ARG B 163 -4.54 -7.23 -3.19
C ARG B 163 -4.45 -7.92 -1.84
N GLN B 164 -5.06 -9.08 -1.75
CA GLN B 164 -5.10 -9.83 -0.51
C GLN B 164 -3.90 -10.77 -0.44
N GLY B 165 -3.26 -10.80 0.72
CA GLY B 165 -2.19 -11.75 0.97
C GLY B 165 -0.89 -11.49 0.27
N ARG B 166 -0.79 -10.42 -0.51
CA ARG B 166 0.44 -10.09 -1.20
C ARG B 166 1.18 -8.99 -0.47
N CYS B 167 2.47 -8.89 -0.75
CA CYS B 167 3.34 -7.92 -0.11
C CYS B 167 4.15 -7.19 -1.18
N THR B 168 4.45 -5.93 -0.90
CA THR B 168 5.23 -5.13 -1.85
C THR B 168 6.62 -5.69 -2.07
N ALA B 169 7.12 -6.53 -1.17
CA ALA B 169 8.44 -7.11 -1.39
C ALA B 169 8.44 -8.09 -2.55
N ASP B 170 7.30 -8.72 -2.82
CA ASP B 170 7.24 -9.69 -3.90
C ASP B 170 7.46 -9.05 -5.26
N ALA B 171 7.22 -7.75 -5.38
CA ALA B 171 7.56 -7.07 -6.62
C ALA B 171 9.05 -7.15 -6.88
N ALA B 172 9.87 -6.99 -5.86
CA ALA B 172 11.28 -7.30 -6.00
C ALA B 172 11.49 -8.79 -6.12
N GLY B 173 10.57 -9.60 -5.58
CA GLY B 173 10.70 -11.03 -5.70
C GLY B 173 10.73 -11.48 -7.15
N GLN B 174 9.81 -10.96 -7.95
CA GLN B 174 9.85 -11.26 -9.38
C GLN B 174 10.88 -10.35 -10.04
N CYS B 175 12.07 -10.27 -9.47
CA CYS B 175 13.20 -9.68 -10.15
C CYS B 175 14.48 -10.47 -9.99
N PHE B 176 14.60 -11.27 -8.94
CA PHE B 176 15.67 -12.25 -8.83
C PHE B 176 15.43 -13.44 -9.75
N THR B 177 14.26 -13.51 -10.38
CA THR B 177 13.91 -14.59 -11.28
C THR B 177 13.79 -14.13 -12.73
N VAL B 178 13.02 -13.09 -13.00
CA VAL B 178 12.86 -12.63 -14.37
C VAL B 178 14.17 -12.06 -14.90
N LEU B 179 14.89 -11.31 -14.06
CA LEU B 179 16.14 -10.69 -14.47
C LEU B 179 17.37 -11.32 -13.84
N GLY B 180 17.19 -12.26 -12.92
CA GLY B 180 18.29 -12.72 -12.09
C GLY B 180 19.35 -13.57 -12.78
N ARG B 181 18.92 -14.47 -13.66
CA ARG B 181 19.86 -15.42 -14.24
C ARG B 181 20.72 -14.74 -15.31
N SER B 182 21.50 -15.53 -16.03
CA SER B 182 22.59 -14.99 -16.85
C SER B 182 22.08 -14.11 -17.97
N ASP B 183 21.32 -14.69 -18.91
CA ASP B 183 20.94 -13.96 -20.11
C ASP B 183 19.70 -13.10 -19.89
N CYS B 184 18.58 -13.74 -19.55
CA CYS B 184 17.30 -13.08 -19.36
C CYS B 184 17.09 -11.93 -20.34
N ALA B 185 16.78 -10.76 -19.84
CA ALA B 185 16.61 -9.57 -20.66
C ALA B 185 17.78 -8.61 -20.40
N LYS B 186 17.81 -7.53 -21.16
CA LYS B 186 18.86 -6.55 -20.96
C LYS B 186 18.39 -5.11 -21.01
N TYR B 187 17.17 -4.82 -21.48
CA TYR B 187 16.67 -3.47 -21.53
C TYR B 187 15.35 -3.39 -20.76
N ILE B 188 15.16 -2.29 -20.04
CA ILE B 188 13.96 -2.11 -19.23
C ILE B 188 13.27 -0.83 -19.65
N LEU B 189 11.96 -0.79 -19.47
CA LEU B 189 11.15 0.38 -19.70
C LEU B 189 10.45 0.74 -18.41
N ASP B 190 10.61 1.99 -17.98
CA ASP B 190 10.15 2.44 -16.67
C ASP B 190 8.67 2.80 -16.70
N ALA B 191 8.31 3.80 -17.50
CA ALA B 191 6.92 4.22 -17.72
C ALA B 191 6.27 4.79 -16.47
N ASP B 192 5.27 5.67 -16.68
CA ASP B 192 4.49 6.22 -15.59
C ASP B 192 3.23 6.89 -16.13
N ILE B 193 2.07 6.51 -15.63
CA ILE B 193 0.81 7.07 -16.08
C ILE B 193 0.52 8.34 -15.29
N THR B 194 -0.07 9.32 -15.95
CA THR B 194 -0.22 10.65 -15.38
C THR B 194 -1.66 11.02 -15.03
N GLY B 195 -2.65 10.36 -15.64
CA GLY B 195 -4.02 10.80 -15.46
C GLY B 195 -4.48 10.66 -14.02
N CYS B 196 -5.31 11.61 -13.60
CA CYS B 196 -5.98 11.51 -12.33
C CYS B 196 -7.26 10.70 -12.47
N PHE B 197 -7.88 10.37 -11.34
CA PHE B 197 -9.05 9.51 -11.36
C PHE B 197 -10.19 10.12 -12.15
N ASP B 198 -10.24 11.44 -12.28
CA ASP B 198 -11.31 12.06 -13.03
C ASP B 198 -11.19 11.79 -14.53
N ASN B 199 -9.97 11.61 -15.03
CA ASN B 199 -9.78 11.49 -16.47
C ASN B 199 -10.37 10.21 -17.03
N ILE B 200 -10.58 9.19 -16.20
CA ILE B 200 -11.20 7.96 -16.68
C ILE B 200 -12.56 8.29 -17.27
N SER B 201 -12.83 7.78 -18.47
CA SER B 201 -14.08 8.10 -19.14
C SER B 201 -15.25 7.52 -18.36
N HIS B 202 -16.15 8.41 -17.93
CA HIS B 202 -17.32 7.97 -17.17
C HIS B 202 -18.13 6.95 -17.94
N GLU B 203 -18.17 7.06 -19.26
CA GLU B 203 -18.90 6.08 -20.05
C GLU B 203 -18.25 4.71 -19.94
N TRP B 204 -16.92 4.65 -19.98
CA TRP B 204 -16.24 3.36 -20.02
C TRP B 204 -16.54 2.53 -18.78
N LEU B 205 -16.56 3.16 -17.61
CA LEU B 205 -16.79 2.42 -16.38
C LEU B 205 -18.18 1.83 -16.29
N LEU B 206 -19.10 2.22 -17.16
CA LEU B 206 -20.43 1.65 -17.07
C LEU B 206 -20.55 0.27 -17.69
N ASP B 207 -19.51 -0.21 -18.37
CA ASP B 207 -19.63 -1.41 -19.18
C ASP B 207 -18.73 -2.56 -18.78
N ASN B 208 -17.82 -2.37 -17.83
CA ASN B 208 -16.86 -3.42 -17.53
C ASN B 208 -16.91 -3.89 -16.09
N ILE B 209 -16.90 -2.99 -15.12
CA ILE B 209 -16.91 -3.43 -13.73
C ILE B 209 -18.26 -4.05 -13.40
N PRO B 210 -18.30 -5.30 -13.01
CA PRO B 210 -19.57 -6.03 -12.79
C PRO B 210 -20.04 -5.97 -11.34
N LEU B 211 -20.25 -4.76 -10.83
CA LEU B 211 -20.83 -4.60 -9.50
C LEU B 211 -22.32 -4.27 -9.57
N ASP B 212 -22.71 -3.38 -10.47
CA ASP B 212 -24.10 -3.09 -10.76
C ASP B 212 -24.17 -2.05 -11.87
N LYS B 213 -25.26 -2.02 -12.63
CA LYS B 213 -25.38 -1.07 -13.71
C LYS B 213 -26.24 0.13 -13.34
N GLU B 214 -26.72 0.22 -12.10
CA GLU B 214 -27.53 1.34 -11.68
C GLU B 214 -26.84 2.15 -10.58
N VAL B 215 -26.42 1.50 -9.50
CA VAL B 215 -25.76 2.22 -8.42
C VAL B 215 -24.54 2.94 -8.92
N LEU B 216 -23.75 2.29 -9.77
CA LEU B 216 -22.59 2.93 -10.35
C LEU B 216 -22.99 4.16 -11.15
N ARG B 217 -24.09 4.07 -11.89
CA ARG B 217 -24.55 5.24 -12.64
C ARG B 217 -24.91 6.38 -11.70
N LYS B 218 -25.56 6.07 -10.58
CA LYS B 218 -25.89 7.12 -9.63
C LYS B 218 -24.64 7.75 -9.05
N TRP B 219 -23.64 6.94 -8.74
CA TRP B 219 -22.46 7.45 -8.07
C TRP B 219 -21.76 8.51 -8.90
N LEU B 220 -21.23 8.14 -10.05
CA LEU B 220 -20.49 9.10 -10.85
C LEU B 220 -21.45 9.93 -11.69
N LYS B 221 -21.37 11.26 -11.51
CA LYS B 221 -22.30 12.30 -11.95
C LYS B 221 -22.37 13.27 -10.79
N SER B 222 -22.50 12.72 -9.60
CA SER B 222 -22.21 13.40 -8.35
C SER B 222 -20.70 13.38 -8.15
N GLY B 223 -20.24 13.55 -6.92
CA GLY B 223 -18.82 13.57 -6.68
C GLY B 223 -18.27 12.16 -6.65
N PHE B 224 -17.61 11.75 -5.56
CA PHE B 224 -16.99 10.45 -5.40
C PHE B 224 -15.70 10.39 -6.21
N VAL B 225 -15.38 11.42 -6.98
CA VAL B 225 -14.18 11.49 -7.79
C VAL B 225 -13.36 12.70 -7.36
N TRP B 226 -12.27 12.97 -8.09
CA TRP B 226 -11.39 14.13 -7.90
C TRP B 226 -10.53 13.95 -6.67
N LYS B 227 -10.81 12.91 -5.89
CA LYS B 227 -10.20 12.77 -4.57
C LYS B 227 -8.67 12.77 -4.66
N GLN B 228 -8.12 12.04 -5.61
CA GLN B 228 -6.67 11.92 -5.73
C GLN B 228 -6.38 11.30 -7.10
N GLN B 229 -5.13 10.91 -7.31
CA GLN B 229 -4.74 10.23 -8.53
C GLN B 229 -5.29 8.80 -8.48
N LEU B 230 -4.83 7.96 -9.42
CA LEU B 230 -5.41 6.63 -9.56
C LEU B 230 -5.44 5.88 -8.23
N PHE B 231 -4.40 6.03 -7.43
CA PHE B 231 -4.27 5.32 -6.18
C PHE B 231 -4.07 6.32 -5.05
N PRO B 232 -4.33 5.93 -3.81
CA PRO B 232 -4.08 6.85 -2.70
C PRO B 232 -2.62 7.27 -2.67
N THR B 233 -2.40 8.56 -2.38
CA THR B 233 -1.03 9.05 -2.24
C THR B 233 -0.31 8.32 -1.13
N HIS B 234 -0.99 8.10 0.00
CA HIS B 234 -0.45 7.30 1.07
C HIS B 234 -0.36 5.84 0.66
N ALA B 235 0.41 5.08 1.45
CA ALA B 235 0.62 3.67 1.17
C ALA B 235 -0.36 2.75 1.88
N GLY B 236 -0.91 3.17 3.03
CA GLY B 236 -1.77 2.28 3.78
C GLY B 236 -2.94 2.95 4.46
N THR B 237 -3.33 4.14 4.02
CA THR B 237 -4.37 4.92 4.67
C THR B 237 -5.45 5.29 3.65
N PRO B 238 -6.33 4.34 3.31
CA PRO B 238 -7.49 4.67 2.47
C PRO B 238 -8.65 5.21 3.31
N GLN B 239 -8.47 6.42 3.85
CA GLN B 239 -9.40 6.95 4.84
C GLN B 239 -10.70 7.42 4.19
N GLY B 240 -11.67 6.51 4.11
CA GLY B 240 -12.98 6.84 3.59
C GLY B 240 -13.38 6.02 2.39
N GLY B 241 -12.44 5.75 1.49
CA GLY B 241 -12.76 5.05 0.28
C GLY B 241 -12.22 3.63 0.23
N VAL B 242 -13.12 2.67 0.02
CA VAL B 242 -12.73 1.29 -0.20
C VAL B 242 -12.93 0.87 -1.64
N ILE B 243 -13.72 1.61 -2.41
CA ILE B 243 -13.94 1.27 -3.81
C ILE B 243 -12.89 1.89 -4.72
N SER B 244 -12.43 3.09 -4.39
CA SER B 244 -11.47 3.78 -5.25
C SER B 244 -10.25 2.94 -5.60
N PRO B 245 -9.57 2.26 -4.67
CA PRO B 245 -8.44 1.44 -5.09
C PRO B 245 -8.83 0.32 -6.02
N MET B 246 -9.99 -0.28 -5.81
CA MET B 246 -10.29 -1.49 -6.58
C MET B 246 -10.67 -1.17 -8.01
N LEU B 247 -11.36 -0.05 -8.25
CA LEU B 247 -11.71 0.31 -9.62
C LEU B 247 -10.47 0.51 -10.46
N ALA B 248 -9.42 1.12 -9.91
CA ALA B 248 -8.18 1.26 -10.66
C ALA B 248 -7.61 -0.10 -11.05
N ASN B 249 -7.62 -1.05 -10.12
CA ASN B 249 -7.09 -2.38 -10.40
C ASN B 249 -7.96 -3.19 -11.36
N MET B 250 -9.15 -2.71 -11.69
CA MET B 250 -9.93 -3.35 -12.73
C MET B 250 -9.87 -2.63 -14.06
N THR B 251 -9.73 -1.31 -14.06
CA THR B 251 -9.60 -0.59 -15.31
C THR B 251 -8.20 -0.74 -15.90
N LEU B 252 -7.20 -0.93 -15.05
CA LEU B 252 -5.83 -1.12 -15.53
C LEU B 252 -5.47 -2.57 -15.68
N ASP B 253 -6.44 -3.47 -15.67
CA ASP B 253 -6.14 -4.89 -15.75
C ASP B 253 -5.84 -5.26 -17.20
N GLY B 254 -5.81 -6.55 -17.48
CA GLY B 254 -5.35 -6.98 -18.79
C GLY B 254 -3.90 -6.58 -18.96
N MET B 255 -3.57 -6.02 -20.14
CA MET B 255 -2.27 -5.43 -20.40
C MET B 255 -1.16 -6.48 -20.41
N GLU B 256 -1.50 -7.73 -20.08
CA GLU B 256 -0.51 -8.80 -20.04
C GLU B 256 -0.78 -9.81 -21.15
N GLU B 257 -2.02 -10.30 -21.25
CA GLU B 257 -2.36 -11.13 -22.41
C GLU B 257 -2.30 -10.31 -23.68
N LEU B 258 -2.73 -9.05 -23.61
CA LEU B 258 -2.63 -8.17 -24.76
C LEU B 258 -1.17 -7.95 -25.14
N LEU B 259 -0.29 -7.83 -24.15
CA LEU B 259 1.12 -7.62 -24.46
C LEU B 259 1.74 -8.86 -25.09
N LYS B 260 1.51 -10.04 -24.50
CA LYS B 260 2.16 -11.26 -24.98
C LYS B 260 1.53 -11.81 -26.25
N LYS B 261 0.31 -11.40 -26.59
CA LYS B 261 -0.29 -11.88 -27.82
C LYS B 261 0.29 -11.19 -29.05
N HIS B 262 0.60 -9.90 -28.94
CA HIS B 262 1.09 -9.15 -30.10
C HIS B 262 2.57 -9.44 -30.35
N LEU B 263 3.39 -9.35 -29.30
CA LEU B 263 4.82 -9.60 -29.41
C LEU B 263 5.10 -10.97 -28.81
N ARG B 264 5.67 -11.87 -29.61
CA ARG B 264 5.59 -13.30 -29.33
C ARG B 264 6.75 -13.81 -28.49
N LYS B 265 7.98 -13.69 -29.00
CA LYS B 265 9.10 -14.39 -28.40
C LYS B 265 10.26 -13.48 -28.03
N GLN B 266 10.10 -12.17 -28.07
CA GLN B 266 11.22 -11.32 -27.68
C GLN B 266 11.26 -11.13 -26.17
N LYS B 267 11.13 -12.23 -25.43
CA LYS B 267 11.36 -12.31 -23.99
C LYS B 267 10.82 -11.09 -23.24
N VAL B 268 9.51 -10.92 -23.31
CA VAL B 268 8.85 -9.78 -22.69
C VAL B 268 8.23 -10.20 -21.36
N ASN B 269 8.14 -9.25 -20.43
CA ASN B 269 7.57 -9.51 -19.11
C ASN B 269 7.06 -8.21 -18.53
N LEU B 270 6.23 -8.32 -17.50
CA LEU B 270 5.54 -7.17 -16.93
C LEU B 270 5.30 -7.36 -15.44
N ILE B 271 5.62 -6.33 -14.64
CA ILE B 271 5.31 -6.29 -13.22
C ILE B 271 4.63 -4.95 -12.95
N ARG B 272 3.84 -4.90 -11.88
CA ARG B 272 3.08 -3.69 -11.57
C ARG B 272 2.65 -3.74 -10.12
N TYR B 273 2.96 -2.70 -9.35
CA TYR B 273 2.58 -2.67 -7.93
C TYR B 273 1.58 -1.55 -7.78
N ALA B 274 0.31 -1.85 -8.02
CA ALA B 274 -0.74 -0.84 -8.21
C ALA B 274 -0.34 0.03 -9.39
N ASP B 275 0.30 1.14 -9.12
CA ASP B 275 0.98 1.90 -10.15
C ASP B 275 2.40 1.36 -10.29
N ASP B 276 3.28 2.14 -10.94
CA ASP B 276 4.71 1.84 -10.99
C ASP B 276 4.98 0.47 -11.61
N PHE B 277 4.69 0.39 -12.90
CA PHE B 277 4.88 -0.86 -13.64
C PHE B 277 6.02 -0.72 -14.64
N VAL B 278 6.87 -1.75 -14.69
CA VAL B 278 8.04 -1.76 -15.56
C VAL B 278 7.94 -2.96 -16.48
N VAL B 279 8.54 -2.84 -17.67
CA VAL B 279 8.49 -3.91 -18.66
C VAL B 279 9.89 -4.19 -19.20
N THR B 280 10.28 -5.45 -19.22
CA THR B 280 11.60 -5.87 -19.67
C THR B 280 11.52 -6.31 -21.12
N GLY B 281 12.23 -5.61 -22.00
CA GLY B 281 12.32 -5.99 -23.39
C GLY B 281 13.56 -6.81 -23.67
N GLU B 282 13.67 -7.26 -24.92
CA GLU B 282 14.84 -8.01 -25.34
C GLU B 282 15.89 -7.16 -26.02
N SER B 283 15.49 -6.07 -26.65
CA SER B 283 16.42 -5.15 -27.28
C SER B 283 15.72 -3.83 -27.52
N LYS B 284 16.51 -2.78 -27.73
CA LYS B 284 15.93 -1.45 -27.88
C LYS B 284 14.90 -1.41 -29.01
N GLU B 285 15.10 -2.20 -30.06
CA GLU B 285 14.13 -2.22 -31.14
C GLU B 285 12.77 -2.71 -30.66
N THR B 286 12.75 -3.71 -29.78
CA THR B 286 11.49 -4.17 -29.23
C THR B 286 10.79 -3.06 -28.47
N LEU B 287 11.54 -2.33 -27.63
CA LEU B 287 10.91 -1.31 -26.80
C LEU B 287 10.73 -0.02 -27.57
N GLU B 288 10.17 -0.13 -28.76
CA GLU B 288 9.65 1.02 -29.49
C GLU B 288 8.22 0.81 -29.97
N LYS B 289 7.80 -0.43 -30.19
CA LYS B 289 6.40 -0.74 -30.38
C LYS B 289 5.69 -1.16 -29.09
N VAL B 290 6.44 -1.59 -28.08
CA VAL B 290 5.86 -1.85 -26.77
C VAL B 290 5.33 -0.56 -26.17
N THR B 291 5.96 0.57 -26.47
CA THR B 291 5.42 1.86 -26.08
C THR B 291 4.28 2.30 -26.98
N THR B 292 3.98 1.54 -28.04
CA THR B 292 2.84 1.81 -28.90
C THR B 292 1.65 0.92 -28.58
N VAL B 293 1.87 -0.39 -28.42
CA VAL B 293 0.79 -1.30 -28.07
C VAL B 293 0.25 -0.98 -26.68
N ILE B 294 1.10 -0.55 -25.75
CA ILE B 294 0.60 -0.03 -24.48
C ILE B 294 -0.19 1.25 -24.73
N GLN B 295 0.30 2.10 -25.64
CA GLN B 295 -0.37 3.36 -25.90
C GLN B 295 -1.77 3.14 -26.44
N GLU B 296 -1.95 2.14 -27.30
CA GLU B 296 -3.30 1.80 -27.76
C GLU B 296 -4.18 1.38 -26.59
N PHE B 297 -3.66 0.53 -25.71
CA PHE B 297 -4.39 0.17 -24.51
C PHE B 297 -4.21 1.19 -23.39
N LEU B 298 -4.33 2.46 -23.72
CA LEU B 298 -4.52 3.50 -22.73
C LEU B 298 -5.43 4.60 -23.22
N LYS B 299 -5.94 4.50 -24.46
CA LYS B 299 -6.87 5.48 -24.98
C LYS B 299 -8.31 5.02 -24.89
N GLU B 300 -8.53 3.71 -24.81
CA GLU B 300 -9.87 3.20 -24.57
C GLU B 300 -10.39 3.62 -23.20
N ARG B 301 -9.50 4.07 -22.31
CA ARG B 301 -9.88 4.58 -21.01
C ARG B 301 -9.79 6.09 -20.92
N GLY B 302 -8.68 6.67 -21.35
CA GLY B 302 -8.58 8.12 -21.36
C GLY B 302 -7.33 8.66 -20.70
N LEU B 303 -6.60 7.81 -20.01
CA LEU B 303 -5.37 8.20 -19.33
C LEU B 303 -4.18 7.61 -20.05
N THR B 304 -3.21 8.45 -20.36
CA THR B 304 -2.06 8.06 -21.18
C THR B 304 -0.78 8.16 -20.36
N LEU B 305 0.33 7.85 -21.01
CA LEU B 305 1.65 7.88 -20.39
C LEU B 305 2.36 9.18 -20.75
N SER B 306 3.06 9.75 -19.78
CA SER B 306 3.73 11.02 -20.00
C SER B 306 4.91 10.84 -20.95
N GLU B 307 5.09 11.80 -21.85
CA GLU B 307 6.31 11.84 -22.65
C GLU B 307 7.38 12.72 -22.01
N GLU B 308 7.63 12.52 -20.74
CA GLU B 308 8.74 13.19 -20.05
C GLU B 308 9.54 12.23 -19.18
N LYS B 309 8.87 11.30 -18.51
CA LYS B 309 9.54 10.47 -17.52
C LYS B 309 9.80 9.04 -17.98
N THR B 310 9.04 8.54 -18.96
CA THR B 310 9.25 7.17 -19.42
C THR B 310 10.53 7.10 -20.24
N LYS B 311 11.47 6.29 -19.77
CA LYS B 311 12.75 6.13 -20.44
C LYS B 311 13.05 4.64 -20.59
N VAL B 312 13.73 4.30 -21.67
CA VAL B 312 14.28 2.97 -21.86
C VAL B 312 15.69 2.95 -21.30
N VAL B 313 15.97 2.00 -20.42
CA VAL B 313 17.19 2.00 -19.62
C VAL B 313 17.95 0.71 -19.86
N HIS B 314 19.24 0.85 -20.14
CA HIS B 314 20.16 -0.28 -20.11
C HIS B 314 20.26 -0.80 -18.69
N ILE B 315 20.42 -2.13 -18.58
CA ILE B 315 20.35 -2.72 -17.25
C ILE B 315 21.52 -2.31 -16.38
N GLU B 316 22.68 -2.03 -16.99
CA GLU B 316 23.84 -1.69 -16.19
C GLU B 316 23.78 -0.30 -15.58
N GLU B 317 22.81 0.53 -15.98
CA GLU B 317 22.62 1.82 -15.34
C GLU B 317 21.52 1.82 -14.30
N GLY B 318 20.52 0.95 -14.45
CA GLY B 318 19.53 0.76 -13.42
C GLY B 318 18.39 1.76 -13.46
N PHE B 319 17.42 1.51 -12.58
CA PHE B 319 16.23 2.34 -12.50
C PHE B 319 15.74 2.34 -11.06
N ASP B 320 14.83 3.25 -10.76
CA ASP B 320 14.25 3.41 -9.44
C ASP B 320 12.83 2.87 -9.46
N PHE B 321 12.66 1.64 -9.02
CA PHE B 321 11.36 1.00 -8.97
C PHE B 321 10.98 0.77 -7.52
N LEU B 322 9.79 1.23 -7.13
CA LEU B 322 9.35 1.21 -5.74
C LEU B 322 10.38 1.96 -4.92
N GLY B 323 10.61 1.53 -3.68
CA GLY B 323 11.69 2.07 -2.89
C GLY B 323 12.94 1.23 -3.02
N TRP B 324 13.39 0.97 -4.25
CA TRP B 324 14.50 0.07 -4.44
C TRP B 324 15.27 0.45 -5.69
N ASN B 325 16.50 -0.04 -5.77
CA ASN B 325 17.35 0.21 -6.92
C ASN B 325 17.90 -1.10 -7.44
N ILE B 326 17.79 -1.31 -8.75
CA ILE B 326 18.18 -2.55 -9.41
C ILE B 326 19.25 -2.24 -10.43
N ARG B 327 20.35 -2.99 -10.38
CA ARG B 327 21.46 -2.81 -11.30
C ARG B 327 22.18 -4.14 -11.48
N LYS B 328 23.08 -4.17 -12.45
CA LYS B 328 23.89 -5.34 -12.76
C LYS B 328 25.34 -4.92 -12.86
N TYR B 329 26.20 -5.50 -12.02
CA TYR B 329 27.62 -5.16 -11.98
C TYR B 329 28.39 -6.36 -12.51
N GLY B 330 28.98 -6.21 -13.69
CA GLY B 330 29.64 -7.31 -14.34
C GLY B 330 28.64 -8.37 -14.76
N GLU B 331 28.67 -9.51 -14.07
CA GLU B 331 27.63 -10.53 -14.16
C GLU B 331 27.18 -10.80 -12.74
N LYS B 332 26.24 -9.98 -12.26
CA LYS B 332 25.78 -10.05 -10.88
C LYS B 332 24.54 -9.19 -10.71
N LEU B 333 23.49 -9.74 -10.12
CA LEU B 333 22.28 -9.00 -9.85
C LEU B 333 22.13 -8.81 -8.35
N LEU B 334 21.95 -7.56 -7.93
CA LEU B 334 21.72 -7.22 -6.55
C LEU B 334 20.95 -5.92 -6.49
N ILE B 335 19.97 -5.87 -5.61
CA ILE B 335 19.04 -4.76 -5.51
C ILE B 335 19.17 -4.16 -4.13
N LYS B 336 19.43 -2.87 -4.09
CA LYS B 336 19.84 -2.20 -2.86
C LYS B 336 18.97 -0.98 -2.62
N PRO B 337 18.90 -0.49 -1.39
CA PRO B 337 18.10 0.70 -1.11
C PRO B 337 18.49 1.87 -2.00
N ALA B 338 17.48 2.53 -2.57
CA ALA B 338 17.71 3.56 -3.55
C ALA B 338 18.21 4.84 -2.89
N LYS B 339 18.90 5.66 -3.69
CA LYS B 339 19.47 6.89 -3.16
C LYS B 339 18.39 7.84 -2.66
N LYS B 340 17.40 8.13 -3.50
CA LYS B 340 16.36 9.03 -3.03
C LYS B 340 15.32 8.27 -2.22
N ASN B 341 15.79 7.42 -1.33
CA ASN B 341 14.99 6.93 -0.21
C ASN B 341 15.76 6.91 1.09
N ILE B 342 17.08 6.70 1.06
CA ILE B 342 17.90 6.92 2.24
C ILE B 342 17.88 8.39 2.61
N LYS B 343 18.05 9.25 1.61
CA LYS B 343 18.04 10.67 1.90
C LYS B 343 16.76 11.11 2.59
N ALA B 344 15.61 10.52 2.25
CA ALA B 344 14.41 10.84 2.99
C ALA B 344 14.57 10.44 4.45
N PHE B 345 15.10 9.25 4.68
CA PHE B 345 15.27 8.79 6.04
C PHE B 345 16.27 9.63 6.82
N HIS B 346 17.14 10.35 6.13
CA HIS B 346 18.02 11.31 6.79
C HIS B 346 17.44 12.71 6.81
N LYS B 347 16.20 12.86 6.35
CA LYS B 347 15.48 14.11 6.51
C LYS B 347 14.33 13.99 7.47
N LYS B 348 13.78 12.80 7.64
CA LYS B 348 12.76 12.62 8.67
C LYS B 348 13.38 12.66 10.06
N ILE B 349 14.57 12.06 10.23
CA ILE B 349 15.22 12.10 11.52
C ILE B 349 15.66 13.51 11.88
N ARG B 350 16.30 14.20 10.94
CA ARG B 350 16.82 15.53 11.24
C ARG B 350 15.72 16.48 11.69
N ASP B 351 14.50 16.28 11.19
CA ASP B 351 13.40 17.13 11.59
C ASP B 351 12.69 16.65 12.85
N ALA B 352 13.13 15.54 13.43
CA ALA B 352 12.67 15.18 14.77
C ALA B 352 13.67 15.57 15.84
N LEU B 353 14.91 15.87 15.46
CA LEU B 353 15.89 16.39 16.39
C LEU B 353 15.97 17.91 16.36
N LYS B 354 15.09 18.56 15.61
CA LYS B 354 14.98 20.01 15.61
C LYS B 354 13.76 20.52 16.36
N GLU B 355 12.63 19.82 16.26
CA GLU B 355 11.43 20.14 17.01
C GLU B 355 11.48 19.60 18.42
N LEU B 356 12.37 18.68 18.71
CA LEU B 356 12.44 18.01 20.00
C LEU B 356 13.84 18.15 20.57
N ARG B 357 14.46 19.29 20.31
CA ARG B 357 15.86 19.50 20.67
C ARG B 357 16.08 19.36 22.16
N THR B 358 15.32 20.10 22.96
CA THR B 358 15.48 20.06 24.40
C THR B 358 15.15 18.68 24.92
N ALA B 359 13.88 18.30 24.80
CA ALA B 359 13.41 16.97 25.18
C ALA B 359 13.80 16.63 26.61
N THR B 360 13.69 15.35 26.97
CA THR B 360 14.13 14.89 28.28
C THR B 360 14.90 13.59 28.20
N GLN B 361 15.34 13.18 27.01
CA GLN B 361 16.13 11.99 26.77
C GLN B 361 15.30 10.71 26.91
N GLU B 362 14.08 10.80 27.45
CA GLU B 362 13.11 9.74 27.27
C GLU B 362 12.14 10.06 26.15
N ALA B 363 12.24 11.22 25.53
CA ALA B 363 11.48 11.55 24.34
C ALA B 363 12.30 11.43 23.07
N VAL B 364 13.61 11.62 23.15
CA VAL B 364 14.47 11.34 22.01
C VAL B 364 14.43 9.86 21.68
N ILE B 365 14.58 9.01 22.69
CA ILE B 365 14.58 7.57 22.44
C ILE B 365 13.20 7.10 22.03
N ASP B 366 12.15 7.64 22.66
CA ASP B 366 10.81 7.16 22.34
C ASP B 366 10.37 7.61 20.96
N THR B 367 10.74 8.82 20.56
CA THR B 367 10.37 9.27 19.22
C THR B 367 11.20 8.59 18.15
N LEU B 368 12.51 8.46 18.38
CA LEU B 368 13.38 7.94 17.34
C LEU B 368 13.46 6.42 17.31
N ASN B 369 12.75 5.72 18.20
CA ASN B 369 12.75 4.26 18.09
C ASN B 369 11.84 3.78 16.98
N PRO B 370 10.54 4.06 16.97
CA PRO B 370 9.70 3.52 15.90
C PRO B 370 10.08 4.04 14.53
N ILE B 371 10.66 5.24 14.45
CA ILE B 371 11.11 5.73 13.15
C ILE B 371 12.15 4.79 12.57
N ILE B 372 13.10 4.34 13.40
CA ILE B 372 13.97 3.27 12.93
C ILE B 372 13.35 1.96 13.37
N LYS B 373 12.22 1.63 12.79
CA LYS B 373 11.80 0.25 12.61
C LYS B 373 11.08 0.03 11.31
N GLY B 374 10.34 1.02 10.80
CA GLY B 374 9.74 0.89 9.50
C GLY B 374 10.77 0.91 8.40
N TRP B 375 11.75 1.80 8.49
CA TRP B 375 12.82 1.80 7.51
C TRP B 375 13.68 0.56 7.58
N ALA B 376 13.58 -0.21 8.66
CA ALA B 376 14.28 -1.48 8.72
C ALA B 376 13.42 -2.63 8.17
N ASN B 377 12.13 -2.63 8.49
CA ASN B 377 11.25 -3.66 7.95
C ASN B 377 11.15 -3.56 6.44
N TYR B 378 11.06 -2.34 5.92
CA TYR B 378 10.86 -2.14 4.49
C TYR B 378 12.09 -2.49 3.66
N HIS B 379 13.24 -2.77 4.28
CA HIS B 379 14.42 -3.20 3.56
C HIS B 379 15.03 -4.44 4.18
N ARG B 380 14.28 -5.15 5.01
CA ARG B 380 14.79 -6.32 5.69
C ARG B 380 15.19 -7.44 4.75
N ASN B 381 14.73 -7.40 3.50
CA ASN B 381 14.91 -8.52 2.59
C ASN B 381 15.78 -8.18 1.40
N GLN B 382 16.73 -7.28 1.54
CA GLN B 382 17.61 -6.94 0.44
C GLN B 382 19.05 -6.95 0.89
N VAL B 383 19.97 -6.71 -0.04
CA VAL B 383 21.39 -6.68 0.28
C VAL B 383 21.73 -5.33 0.86
N SER B 384 21.52 -5.19 2.16
CA SER B 384 21.64 -3.89 2.81
C SER B 384 22.40 -3.93 4.11
N LYS B 385 23.15 -5.01 4.39
CA LYS B 385 23.90 -5.04 5.64
C LYS B 385 24.91 -3.91 5.68
N ARG B 386 25.59 -3.66 4.57
CA ARG B 386 26.48 -2.51 4.51
C ARG B 386 25.69 -1.21 4.64
N ILE B 387 24.54 -1.11 3.97
CA ILE B 387 23.80 0.14 3.95
C ILE B 387 23.23 0.46 5.33
N PHE B 388 22.93 -0.54 6.15
CA PHE B 388 22.49 -0.27 7.50
C PHE B 388 23.59 0.41 8.31
N ASN B 389 24.84 0.05 8.06
CA ASN B 389 25.92 0.92 8.49
C ASN B 389 26.06 2.05 7.48
N ARG B 390 26.76 3.11 7.89
CA ARG B 390 26.75 4.39 7.22
C ARG B 390 25.37 5.04 7.29
N ALA B 391 24.39 4.36 7.88
CA ALA B 391 23.09 4.93 8.15
C ALA B 391 22.72 4.87 9.62
N ASP B 392 23.60 4.35 10.46
CA ASP B 392 23.51 4.56 11.90
C ASP B 392 24.60 5.47 12.42
N ASP B 393 25.79 5.41 11.84
CA ASP B 393 26.81 6.39 12.18
C ASP B 393 26.35 7.79 11.82
N ASN B 394 25.79 7.95 10.64
CA ASN B 394 25.37 9.28 10.24
C ASN B 394 24.20 9.78 11.06
N ILE B 395 23.61 8.95 11.92
CA ILE B 395 22.76 9.48 12.98
C ILE B 395 23.48 9.48 14.32
N TRP B 396 24.49 8.64 14.49
CA TRP B 396 25.27 8.71 15.72
C TRP B 396 25.99 10.04 15.83
N HIS B 397 26.53 10.52 14.73
CA HIS B 397 27.12 11.85 14.73
C HIS B 397 26.13 12.93 14.83
N LYS B 398 24.85 12.61 15.00
CA LYS B 398 23.86 13.63 15.33
C LYS B 398 23.46 13.61 16.78
N LEU B 399 23.34 12.44 17.40
CA LEU B 399 23.05 12.40 18.82
C LEU B 399 24.20 12.98 19.63
N TRP B 400 25.43 12.63 19.29
CA TRP B 400 26.58 13.16 20.00
C TRP B 400 26.66 14.67 19.84
N ARG B 401 26.46 15.17 18.62
CA ARG B 401 26.44 16.61 18.42
C ARG B 401 25.22 17.25 19.05
N TRP B 402 24.15 16.48 19.24
CA TRP B 402 23.02 16.96 20.03
C TRP B 402 23.38 17.02 21.50
N ALA B 403 24.18 16.08 21.98
CA ALA B 403 24.50 16.05 23.41
C ALA B 403 25.37 17.22 23.82
N LYS B 404 26.34 17.60 22.99
CA LYS B 404 27.25 18.66 23.37
C LYS B 404 26.72 20.05 23.04
N ARG B 405 25.46 20.15 22.63
CA ARG B 405 24.83 21.44 22.42
C ARG B 405 23.90 21.84 23.55
N ARG B 406 23.62 20.95 24.49
CA ARG B 406 22.87 21.29 25.69
C ARG B 406 23.77 21.39 26.92
N HIS B 407 25.09 21.42 26.74
CA HIS B 407 26.03 21.66 27.83
C HIS B 407 27.23 22.44 27.29
N PRO B 408 27.04 23.71 27.00
CA PRO B 408 28.09 24.46 26.30
C PRO B 408 29.26 24.84 27.19
N ASN B 409 29.31 24.30 28.40
CA ASN B 409 30.40 24.57 29.33
C ASN B 409 31.11 23.32 29.80
N LYS B 410 30.38 22.23 30.05
CA LYS B 410 30.96 21.04 30.60
C LYS B 410 31.94 20.41 29.63
N PRO B 411 32.70 19.39 30.11
CA PRO B 411 33.68 18.68 29.30
C PRO B 411 33.22 17.41 28.60
N ALA B 412 34.06 16.93 27.69
CA ALA B 412 33.72 15.73 26.89
C ALA B 412 33.57 14.53 27.81
N ARG B 413 34.57 14.22 28.63
CA ARG B 413 34.40 13.00 29.43
C ARG B 413 33.03 13.06 30.09
N TRP B 414 32.65 14.24 30.57
CA TRP B 414 31.35 14.40 31.28
C TRP B 414 30.19 14.10 30.32
N THR B 415 29.97 14.92 29.30
CA THR B 415 28.80 14.60 28.45
C THR B 415 28.78 13.09 28.19
N LYS B 416 29.96 12.49 28.01
CA LYS B 416 30.02 11.04 27.67
C LYS B 416 29.43 10.20 28.79
N ASN B 417 30.12 10.12 29.93
CA ASN B 417 29.64 9.28 31.05
C ASN B 417 28.18 9.62 31.31
N LYS B 418 27.73 10.78 30.86
CA LYS B 418 26.35 11.22 31.12
C LYS B 418 25.33 10.47 30.26
N TYR B 419 25.42 10.59 28.92
CA TYR B 419 24.33 9.94 28.16
C TYR B 419 24.69 8.66 27.37
N PHE B 420 25.82 8.01 27.60
CA PHE B 420 26.31 6.84 26.86
C PHE B 420 26.65 5.72 27.83
N ILE B 421 26.09 4.53 27.58
CA ILE B 421 26.20 3.41 28.50
C ILE B 421 26.89 2.25 27.79
N LYS B 422 27.15 1.18 28.55
CA LYS B 422 27.73 -0.05 28.04
C LYS B 422 26.85 -1.22 28.46
N ILE B 423 26.67 -2.19 27.56
CA ILE B 423 25.74 -3.28 27.79
C ILE B 423 26.43 -4.64 27.95
N GLY B 424 27.70 -4.77 27.58
CA GLY B 424 28.36 -6.06 27.54
C GLY B 424 28.84 -6.28 26.12
N ASN B 425 29.02 -5.17 25.43
CA ASN B 425 29.25 -5.11 23.99
C ASN B 425 30.13 -3.89 23.74
N ARG B 426 30.09 -3.38 22.52
CA ARG B 426 30.62 -2.05 22.24
C ARG B 426 30.21 -1.10 23.35
N HIS B 427 31.19 -0.57 24.07
CA HIS B 427 30.91 0.09 25.34
C HIS B 427 30.24 1.45 25.16
N TRP B 428 30.04 1.91 23.95
CA TRP B 428 29.54 3.26 23.69
C TRP B 428 28.22 3.18 22.92
N VAL B 429 27.11 3.12 23.64
CA VAL B 429 25.79 3.13 23.02
C VAL B 429 24.93 4.17 23.74
N PHE B 430 23.94 4.67 23.02
CA PHE B 430 23.06 5.70 23.56
C PHE B 430 22.04 5.08 24.51
N GLY B 431 21.74 5.77 25.59
CA GLY B 431 20.72 5.30 26.50
C GLY B 431 21.00 5.76 27.90
N THR B 432 20.17 5.29 28.82
CA THR B 432 20.33 5.60 30.24
C THR B 432 20.08 4.33 31.05
N TRP B 433 21.04 3.98 31.90
CA TRP B 433 20.96 2.78 32.72
C TRP B 433 20.27 3.09 34.05
N LYS B 434 19.04 3.56 33.94
CA LYS B 434 18.27 3.95 35.11
C LYS B 434 17.68 2.70 35.78
N LYS B 435 16.76 2.90 36.72
CA LYS B 435 16.18 1.80 37.47
C LYS B 435 14.66 1.86 37.49
N ASP B 436 14.04 1.00 38.30
CA ASP B 436 12.60 0.93 38.42
C ASP B 436 12.20 1.13 39.88
N LYS B 437 10.91 0.91 40.16
CA LYS B 437 10.40 1.12 41.51
C LYS B 437 10.91 0.06 42.48
N GLU B 438 11.11 -1.16 42.00
CA GLU B 438 11.37 -2.29 42.89
C GLU B 438 12.84 -2.56 43.12
N GLY B 439 13.73 -1.74 42.56
CA GLY B 439 15.15 -1.95 42.74
C GLY B 439 15.73 -2.91 41.72
N ARG B 440 15.25 -2.80 40.49
CA ARG B 440 15.73 -3.62 39.38
C ARG B 440 16.40 -2.72 38.35
N LEU B 441 17.55 -3.16 37.85
CA LEU B 441 18.30 -2.38 36.88
C LEU B 441 17.55 -2.33 35.56
N ARG B 442 17.15 -1.14 35.15
CA ARG B 442 16.43 -0.94 33.89
C ARG B 442 17.40 -0.59 32.77
N SER B 443 16.86 -0.50 31.57
CA SER B 443 17.68 -0.13 30.42
C SER B 443 16.79 0.40 29.30
N ARG B 444 17.32 1.39 28.59
CA ARG B 444 16.73 1.87 27.35
C ARG B 444 17.88 2.18 26.40
N TYR B 445 17.70 1.86 25.12
CA TYR B 445 18.76 2.14 24.17
C TYR B 445 18.17 2.18 22.77
N LEU B 446 18.91 2.81 21.86
CA LEU B 446 18.50 2.88 20.48
C LEU B 446 18.55 1.50 19.83
N ILE B 447 17.72 1.32 18.80
CA ILE B 447 17.71 0.05 18.09
C ILE B 447 19.02 -0.18 17.36
N LYS B 448 19.61 0.89 16.80
CA LYS B 448 20.86 0.78 16.04
C LYS B 448 20.69 -0.16 14.85
N ALA B 449 19.89 0.32 13.89
CA ALA B 449 19.53 -0.46 12.71
C ALA B 449 20.73 -1.19 12.14
N GLY B 450 20.63 -2.51 12.07
CA GLY B 450 21.75 -3.33 11.66
C GLY B 450 21.78 -4.64 12.44
N ASP B 451 21.12 -4.65 13.59
CA ASP B 451 20.91 -5.89 14.33
C ASP B 451 19.56 -6.43 13.88
N THR B 452 19.47 -6.74 12.59
CA THR B 452 18.25 -7.28 12.01
C THR B 452 18.66 -8.37 11.03
N ARG B 453 18.41 -9.63 11.40
CA ARG B 453 18.76 -10.77 10.57
C ARG B 453 18.17 -10.61 9.18
N ILE B 454 19.03 -10.50 8.18
CA ILE B 454 18.56 -10.37 6.80
C ILE B 454 17.94 -11.69 6.37
N GLN B 455 16.71 -11.61 5.86
CA GLN B 455 15.94 -12.77 5.45
C GLN B 455 15.68 -12.72 3.95
N ARG B 456 15.91 -13.85 3.29
CA ARG B 456 15.57 -14.00 1.88
C ARG B 456 14.13 -14.50 1.79
N HIS B 457 13.28 -13.71 1.14
CA HIS B 457 11.85 -13.98 1.17
C HIS B 457 11.51 -15.22 0.34
N VAL B 458 10.29 -15.71 0.54
CA VAL B 458 9.73 -16.81 -0.25
C VAL B 458 8.59 -16.24 -1.07
N LYS B 459 8.69 -16.39 -2.39
CA LYS B 459 7.74 -15.74 -3.28
C LYS B 459 6.37 -16.40 -3.22
N ILE B 460 5.34 -15.58 -3.44
CA ILE B 460 3.98 -16.09 -3.59
C ILE B 460 3.83 -16.68 -4.99
N LYS B 461 3.22 -17.87 -5.07
CA LYS B 461 3.00 -18.49 -6.36
C LYS B 461 2.13 -17.58 -7.23
N ALA B 462 2.49 -17.49 -8.52
CA ALA B 462 1.92 -16.48 -9.39
C ALA B 462 0.41 -16.62 -9.51
N ASP B 463 -0.08 -17.84 -9.63
CA ASP B 463 -1.49 -18.08 -9.92
C ASP B 463 -2.33 -18.14 -8.64
N ALA B 464 -1.71 -17.91 -7.48
CA ALA B 464 -2.43 -18.01 -6.22
C ALA B 464 -3.64 -17.09 -6.18
N ASN B 465 -4.74 -17.61 -5.64
CA ASN B 465 -6.00 -16.86 -5.53
C ASN B 465 -6.61 -17.19 -4.17
N PRO B 466 -6.55 -16.26 -3.22
CA PRO B 466 -6.96 -16.58 -1.85
C PRO B 466 -8.44 -16.77 -1.67
N PHE B 467 -9.23 -16.77 -2.74
CA PHE B 467 -10.66 -17.02 -2.63
C PHE B 467 -11.10 -18.32 -3.28
N LEU B 468 -10.24 -18.96 -4.05
CA LEU B 468 -10.57 -20.28 -4.55
C LEU B 468 -10.63 -21.26 -3.37
N PRO B 469 -11.48 -22.29 -3.45
CA PRO B 469 -11.65 -23.16 -2.27
C PRO B 469 -10.42 -23.97 -1.95
N GLU B 470 -9.67 -24.38 -2.96
CA GLU B 470 -8.37 -24.99 -2.71
C GLU B 470 -7.35 -23.89 -2.40
N TRP B 471 -6.11 -24.31 -2.12
CA TRP B 471 -5.02 -23.39 -1.82
C TRP B 471 -5.30 -22.55 -0.59
N ALA B 472 -6.10 -23.09 0.33
CA ALA B 472 -6.33 -22.42 1.60
C ALA B 472 -5.17 -22.60 2.56
N GLU B 473 -4.22 -23.50 2.27
CA GLU B 473 -3.04 -23.65 3.10
C GLU B 473 -2.07 -22.49 2.95
N TYR B 474 -2.13 -21.78 1.83
CA TYR B 474 -1.33 -20.58 1.65
C TYR B 474 -1.96 -19.43 2.42
N PHE B 475 -1.40 -18.24 2.26
CA PHE B 475 -1.96 -17.01 2.82
C PHE B 475 -2.08 -17.08 4.33
N GLU B 476 -3.22 -17.57 4.82
CA GLU B 476 -3.50 -17.56 6.25
C GLU B 476 -2.40 -18.23 7.05
N GLU B 477 -1.99 -19.43 6.62
CA GLU B 477 -0.89 -20.11 7.30
C GLU B 477 0.44 -19.42 7.01
N ARG B 478 0.57 -18.83 5.82
CA ARG B 478 1.82 -18.16 5.48
C ARG B 478 1.97 -16.85 6.25
N LYS B 479 0.87 -16.21 6.61
CA LYS B 479 0.91 -14.96 7.37
C LYS B 479 1.57 -15.15 8.73
MG MG C . 24.78 54.95 45.83
MG MG D . 20.40 41.24 32.71
MG MG E . 26.31 38.77 33.10
#